data_4QMQ
#
_entry.id   4QMQ
#
_cell.length_a   99.475
_cell.length_b   58.361
_cell.length_c   61.717
_cell.angle_alpha   90.00
_cell.angle_beta   93.21
_cell.angle_gamma   90.00
#
_symmetry.space_group_name_H-M   'C 1 2 1'
#
loop_
_entity.id
_entity.type
_entity.pdbx_description
1 polymer 'Serine/threonine-protein kinase 24'
2 non-polymer 1-{2-[5-(2-methoxyethoxy)-1H-benzimidazol-1-yl]quinolin-8-yl}piperidin-4-amine
3 non-polymer 1,2-ETHANEDIOL
4 non-polymer DI(HYDROXYETHYL)ETHER
5 water water
#
_entity_poly.entity_id   1
_entity_poly.type   'polypeptide(L)'
_entity_poly.pdbx_seq_one_letter_code
;GPLGSEFMAHSPVQSGLPGMQNLKADPEELFTKLEKIGKGSFGEVFKGIDNRTQKVVAIKIIDLEEAEDEIEDIQQEITV
LSQCDSPYVTKYYGSYLKDTKLWIIMEYLGGGSALDLLEPGPLDETQIATILREILKGLDYLHSEKKIHRDIKAANVLLS
EHGEVKLADFGVAGQLTDTQIKRN(TPO)FVGTPFWMAPEVIKQSAYDSKADIWSLGITAIELARGEPPHSELHPMKVLF
LIPKNNPPTLEGNYSKPLKEFVEACLNKEPSFRPTAKELLKHKFILRNAKKTSYLTELIDRYKRWKAEQSHDDS
;
_entity_poly.pdbx_strand_id   A
#
# COMPACT_ATOMS: atom_id res chain seq x y z
N GLY A 16 16.01 -16.03 -12.12
CA GLY A 16 16.07 -16.57 -10.76
C GLY A 16 15.12 -15.87 -9.80
N LEU A 17 14.29 -16.65 -9.12
CA LEU A 17 13.30 -16.10 -8.19
C LEU A 17 13.81 -16.11 -6.76
N PRO A 18 14.05 -14.92 -6.19
CA PRO A 18 14.55 -14.79 -4.81
C PRO A 18 13.68 -15.53 -3.80
N GLY A 19 14.32 -16.32 -2.93
CA GLY A 19 13.62 -17.05 -1.90
C GLY A 19 12.93 -18.33 -2.34
N MET A 20 13.17 -18.77 -3.58
CA MET A 20 12.56 -20.01 -4.02
C MET A 20 13.09 -21.16 -3.18
N GLN A 21 12.18 -21.98 -2.64
CA GLN A 21 12.58 -23.07 -1.77
C GLN A 21 12.84 -24.33 -2.57
N ASN A 22 13.33 -25.37 -1.89
CA ASN A 22 13.52 -26.67 -2.51
C ASN A 22 12.21 -27.16 -3.14
N LEU A 23 12.29 -27.65 -4.37
CA LEU A 23 11.08 -28.03 -5.08
C LEU A 23 10.50 -29.38 -4.61
N LYS A 24 11.22 -30.07 -3.74
CA LYS A 24 10.67 -31.25 -3.06
C LYS A 24 9.67 -30.86 -1.96
N ALA A 25 9.81 -29.65 -1.43
CA ALA A 25 8.94 -29.17 -0.35
C ALA A 25 7.52 -28.96 -0.86
N ASP A 26 6.57 -29.52 -0.13
CA ASP A 26 5.16 -29.46 -0.50
C ASP A 26 4.43 -28.43 0.36
N PRO A 27 4.11 -27.26 -0.22
CA PRO A 27 3.47 -26.20 0.56
C PRO A 27 2.09 -26.59 1.10
N GLU A 28 1.42 -27.55 0.46
CA GLU A 28 0.13 -27.99 0.97
C GLU A 28 0.29 -28.79 2.26
N GLU A 29 1.51 -29.28 2.48
CA GLU A 29 1.90 -29.93 3.73
C GLU A 29 2.38 -28.93 4.76
N LEU A 30 3.17 -27.96 4.30
CA LEU A 30 3.87 -27.05 5.18
C LEU A 30 2.97 -25.90 5.62
N PHE A 31 1.91 -25.65 4.86
CA PHE A 31 1.00 -24.55 5.19
C PHE A 31 -0.45 -24.98 5.13
N THR A 32 -1.23 -24.52 6.11
CA THR A 32 -2.66 -24.70 6.06
C THR A 32 -3.26 -23.47 5.39
N LYS A 33 -3.85 -23.65 4.22
CA LYS A 33 -4.46 -22.54 3.50
C LYS A 33 -5.86 -22.26 4.03
N LEU A 34 -6.10 -21.01 4.41
CA LEU A 34 -7.40 -20.61 4.94
C LEU A 34 -8.10 -19.65 3.98
N GLU A 35 -8.90 -18.73 4.50
CA GLU A 35 -9.78 -17.91 3.65
C GLU A 35 -9.03 -16.89 2.82
N LYS A 36 -9.63 -16.50 1.68
CA LYS A 36 -9.12 -15.41 0.87
C LYS A 36 -9.20 -14.13 1.66
N ILE A 37 -8.13 -13.32 1.60
CA ILE A 37 -8.12 -12.07 2.34
C ILE A 37 -7.89 -10.87 1.43
N GLY A 38 -7.52 -11.12 0.18
CA GLY A 38 -7.35 -10.03 -0.76
C GLY A 38 -7.05 -10.42 -2.19
N LYS A 39 -7.11 -9.42 -3.06
CA LYS A 39 -6.74 -9.57 -4.45
C LYS A 39 -5.91 -8.36 -4.85
N GLY A 40 -4.63 -8.57 -5.14
CA GLY A 40 -3.73 -7.48 -5.45
C GLY A 40 -3.60 -7.20 -6.93
N SER A 41 -2.58 -6.45 -7.30
CA SER A 41 -2.28 -6.17 -8.71
C SER A 41 -2.08 -7.49 -9.47
N PHE A 42 -1.37 -8.42 -8.85
CA PHE A 42 -1.12 -9.72 -9.47
C PHE A 42 -1.37 -10.87 -8.49
N GLY A 43 -2.50 -11.55 -8.64
CA GLY A 43 -2.82 -12.73 -7.85
C GLY A 43 -3.68 -12.55 -6.61
N GLU A 44 -4.29 -13.64 -6.16
CA GLU A 44 -5.10 -13.64 -4.93
C GLU A 44 -4.27 -13.99 -3.69
N VAL A 45 -4.65 -13.40 -2.56
CA VAL A 45 -3.94 -13.61 -1.29
C VAL A 45 -4.84 -14.30 -0.26
N PHE A 46 -4.28 -15.30 0.42
CA PHE A 46 -5.00 -16.06 1.42
C PHE A 46 -4.34 -16.01 2.78
N LYS A 47 -5.16 -16.07 3.82
CA LYS A 47 -4.66 -16.33 5.16
C LYS A 47 -4.14 -17.78 5.18
N GLY A 48 -3.07 -18.02 5.92
CA GLY A 48 -2.50 -19.35 5.98
C GLY A 48 -1.82 -19.57 7.32
N ILE A 49 -1.64 -20.82 7.70
CA ILE A 49 -0.88 -21.15 8.89
C ILE A 49 0.41 -21.87 8.52
N ASP A 50 1.53 -21.40 9.04
CA ASP A 50 2.81 -22.10 8.91
C ASP A 50 2.72 -23.32 9.81
N ASN A 51 2.70 -24.53 9.25
CA ASN A 51 2.47 -25.69 10.12
C ASN A 51 3.64 -26.08 11.04
N ARG A 52 4.81 -25.51 10.80
CA ARG A 52 5.97 -25.76 11.67
C ARG A 52 5.98 -24.82 12.88
N THR A 53 5.57 -23.57 12.69
CA THR A 53 5.66 -22.57 13.77
C THR A 53 4.30 -22.17 14.36
N GLN A 54 3.23 -22.44 13.60
CA GLN A 54 1.85 -22.06 13.90
C GLN A 54 1.65 -20.57 13.79
N LYS A 55 2.62 -19.86 13.20
CA LYS A 55 2.38 -18.45 12.90
C LYS A 55 1.45 -18.32 11.71
N VAL A 56 0.67 -17.24 11.68
CA VAL A 56 -0.19 -16.95 10.54
C VAL A 56 0.63 -16.22 9.48
N VAL A 57 0.43 -16.59 8.21
CA VAL A 57 1.12 -15.96 7.11
C VAL A 57 0.11 -15.53 6.05
N ALA A 58 0.55 -14.69 5.13
CA ALA A 58 -0.24 -14.38 3.95
C ALA A 58 0.33 -15.13 2.76
N ILE A 59 -0.52 -15.84 2.04
CA ILE A 59 -0.03 -16.65 0.94
C ILE A 59 -0.65 -16.19 -0.35
N LYS A 60 0.21 -15.76 -1.28
CA LYS A 60 -0.29 -15.46 -2.62
C LYS A 60 -0.06 -16.67 -3.49
N ILE A 61 -1.11 -17.13 -4.15
CA ILE A 61 -1.04 -18.34 -4.96
C ILE A 61 -1.23 -18.00 -6.43
N ILE A 62 -0.31 -18.47 -7.26
CA ILE A 62 -0.28 -18.15 -8.68
C ILE A 62 -0.29 -19.41 -9.54
N ASP A 63 -1.25 -19.53 -10.45
CA ASP A 63 -1.20 -20.60 -11.43
C ASP A 63 -0.30 -20.15 -12.57
N LEU A 64 0.86 -20.80 -12.67
CA LEU A 64 1.84 -20.42 -13.68
C LEU A 64 1.39 -20.88 -15.07
N GLU A 65 0.56 -21.92 -15.11
CA GLU A 65 0.04 -22.44 -16.38
C GLU A 65 -0.91 -21.44 -17.02
N GLU A 66 -1.57 -20.63 -16.20
CA GLU A 66 -2.42 -19.54 -16.69
C GLU A 66 -1.59 -18.31 -17.04
N ALA A 67 -0.78 -17.83 -16.09
CA ALA A 67 0.01 -16.61 -16.24
C ALA A 67 0.71 -16.55 -17.60
N GLU A 68 0.53 -15.42 -18.29
CA GLU A 68 0.93 -15.30 -19.68
C GLU A 68 2.04 -14.27 -19.87
N ASP A 69 1.87 -13.14 -19.19
CA ASP A 69 2.76 -11.99 -19.35
C ASP A 69 3.06 -11.50 -17.96
N GLU A 70 2.38 -12.10 -16.99
CA GLU A 70 2.41 -11.64 -15.61
C GLU A 70 3.47 -12.33 -14.77
N ILE A 71 4.15 -13.34 -15.33
CA ILE A 71 5.18 -14.04 -14.55
C ILE A 71 6.34 -13.11 -14.22
N GLU A 72 6.76 -12.32 -15.21
CA GLU A 72 7.81 -11.33 -14.98
C GLU A 72 7.38 -10.34 -13.91
N ASP A 73 6.11 -9.94 -13.94
CA ASP A 73 5.58 -9.00 -12.96
C ASP A 73 5.61 -9.62 -11.56
N ILE A 74 5.12 -10.85 -11.49
CA ILE A 74 5.10 -11.64 -10.25
C ILE A 74 6.50 -11.78 -9.69
N GLN A 75 7.46 -12.04 -10.56
CA GLN A 75 8.86 -12.16 -10.18
C GLN A 75 9.42 -10.82 -9.69
N GLN A 76 9.08 -9.74 -10.37
CA GLN A 76 9.55 -8.42 -9.99
C GLN A 76 9.07 -8.00 -8.60
N GLU A 77 7.80 -8.29 -8.32
CA GLU A 77 7.21 -8.00 -7.03
C GLU A 77 7.97 -8.72 -5.91
N ILE A 78 8.22 -10.01 -6.12
CA ILE A 78 8.95 -10.79 -5.13
C ILE A 78 10.37 -10.25 -4.96
N THR A 79 11.00 -9.88 -6.07
CA THR A 79 12.34 -9.31 -5.99
C THR A 79 12.36 -8.02 -5.16
N VAL A 80 11.39 -7.13 -5.40
CA VAL A 80 11.34 -5.87 -4.66
C VAL A 80 11.16 -6.14 -3.15
N LEU A 81 10.20 -7.00 -2.81
CA LEU A 81 9.97 -7.34 -1.40
C LEU A 81 11.23 -7.91 -0.74
N SER A 82 11.87 -8.85 -1.43
CA SER A 82 13.08 -9.49 -0.89
C SER A 82 14.21 -8.48 -0.64
N GLN A 83 14.15 -7.31 -1.28
CA GLN A 83 15.18 -6.29 -1.10
C GLN A 83 14.84 -5.29 0.02
N CYS A 84 13.65 -5.42 0.58
CA CYS A 84 13.22 -4.53 1.65
C CYS A 84 13.37 -5.17 3.02
N ASP A 85 13.90 -4.41 3.96
CA ASP A 85 13.99 -4.83 5.35
C ASP A 85 13.61 -3.67 6.25
N SER A 86 12.32 -3.57 6.54
CA SER A 86 11.76 -2.44 7.25
C SER A 86 10.54 -2.84 8.07
N PRO A 87 10.38 -2.26 9.27
CA PRO A 87 9.18 -2.47 10.07
C PRO A 87 7.93 -1.96 9.35
N TYR A 88 8.10 -1.22 8.26
CA TYR A 88 6.97 -0.58 7.58
C TYR A 88 6.62 -1.22 6.24
N VAL A 89 7.25 -2.36 5.95
CA VAL A 89 7.06 -3.05 4.68
C VAL A 89 6.82 -4.54 4.92
N THR A 90 5.75 -5.09 4.35
CA THR A 90 5.44 -6.52 4.53
C THR A 90 6.64 -7.40 4.21
N LYS A 91 6.98 -8.31 5.12
CA LYS A 91 8.07 -9.24 4.90
C LYS A 91 7.76 -10.31 3.87
N TYR A 92 8.81 -10.78 3.19
CA TYR A 92 8.71 -11.90 2.26
C TYR A 92 9.57 -13.03 2.82
N TYR A 93 9.01 -14.22 2.88
CA TYR A 93 9.68 -15.33 3.56
C TYR A 93 10.28 -16.32 2.56
N GLY A 94 9.51 -16.66 1.54
CA GLY A 94 9.98 -17.56 0.50
C GLY A 94 8.88 -18.01 -0.43
N SER A 95 9.23 -18.76 -1.46
CA SER A 95 8.24 -19.28 -2.41
C SER A 95 8.39 -20.79 -2.62
N TYR A 96 7.27 -21.44 -2.89
CA TYR A 96 7.19 -22.89 -3.03
C TYR A 96 6.43 -23.22 -4.30
N LEU A 97 6.61 -24.44 -4.82
CA LEU A 97 5.82 -24.91 -5.96
C LEU A 97 5.00 -26.15 -5.62
N LYS A 98 3.74 -26.15 -6.02
CA LYS A 98 2.91 -27.33 -5.92
C LYS A 98 2.32 -27.56 -7.29
N ASP A 99 2.89 -28.55 -7.99
CA ASP A 99 2.50 -28.85 -9.36
C ASP A 99 2.64 -27.59 -10.24
N THR A 100 1.54 -26.96 -10.61
CA THR A 100 1.63 -25.77 -11.47
C THR A 100 1.48 -24.45 -10.72
N LYS A 101 1.28 -24.53 -9.41
CA LYS A 101 0.99 -23.33 -8.63
C LYS A 101 2.16 -22.87 -7.77
N LEU A 102 2.40 -21.57 -7.79
CA LEU A 102 3.44 -20.95 -6.97
C LEU A 102 2.83 -20.38 -5.69
N TRP A 103 3.27 -20.88 -4.54
CA TRP A 103 2.84 -20.38 -3.23
C TRP A 103 3.87 -19.38 -2.73
N ILE A 104 3.44 -18.14 -2.56
CA ILE A 104 4.34 -17.05 -2.19
C ILE A 104 4.05 -16.61 -0.76
N ILE A 105 5.01 -16.82 0.14
CA ILE A 105 4.71 -16.73 1.55
C ILE A 105 5.20 -15.40 2.10
N MET A 106 4.28 -14.65 2.70
CA MET A 106 4.60 -13.29 3.15
C MET A 106 4.01 -13.03 4.53
N GLU A 107 4.38 -11.88 5.09
CA GLU A 107 3.92 -11.46 6.40
C GLU A 107 2.41 -11.28 6.46
N TYR A 108 1.79 -11.75 7.53
CA TYR A 108 0.37 -11.53 7.75
C TYR A 108 0.16 -10.47 8.81
N LEU A 109 -0.77 -9.57 8.54
CA LEU A 109 -1.13 -8.50 9.48
C LEU A 109 -2.61 -8.56 9.76
N GLY A 110 -2.98 -8.86 11.01
CA GLY A 110 -4.34 -9.27 11.30
C GLY A 110 -5.34 -8.17 11.63
N GLY A 111 -4.91 -6.93 11.58
CA GLY A 111 -5.79 -5.83 11.96
C GLY A 111 -6.71 -5.40 10.85
N GLY A 112 -6.35 -5.70 9.60
CA GLY A 112 -7.12 -5.27 8.44
C GLY A 112 -6.46 -4.10 7.74
N SER A 113 -6.87 -3.81 6.50
CA SER A 113 -6.35 -2.64 5.80
C SER A 113 -7.00 -1.38 6.36
N ALA A 114 -6.37 -0.23 6.13
CA ALA A 114 -6.93 1.04 6.59
C ALA A 114 -8.32 1.25 6.00
N LEU A 115 -8.53 0.75 4.79
CA LEU A 115 -9.84 0.87 4.13
C LEU A 115 -10.90 0.03 4.85
N ASP A 116 -10.56 -1.22 5.18
CA ASP A 116 -11.42 -2.06 6.01
C ASP A 116 -11.87 -1.33 7.27
N LEU A 117 -10.91 -0.70 7.94
CA LEU A 117 -11.15 -0.10 9.24
C LEU A 117 -12.04 1.13 9.15
N LEU A 118 -12.27 1.60 7.93
CA LEU A 118 -13.17 2.71 7.64
C LEU A 118 -14.64 2.28 7.59
N GLU A 119 -14.90 1.00 7.45
CA GLU A 119 -16.29 0.54 7.29
C GLU A 119 -17.24 0.87 8.47
N PRO A 120 -16.77 0.72 9.72
CA PRO A 120 -17.69 1.08 10.82
C PRO A 120 -18.03 2.58 10.97
N GLY A 121 -17.28 3.46 10.31
CA GLY A 121 -17.52 4.89 10.45
C GLY A 121 -16.24 5.67 10.20
N PRO A 122 -16.32 7.00 10.26
CA PRO A 122 -15.15 7.84 10.00
C PRO A 122 -14.02 7.65 11.00
N LEU A 123 -12.80 7.97 10.57
CA LEU A 123 -11.67 8.11 11.49
C LEU A 123 -11.66 9.49 12.14
N ASP A 124 -11.03 9.60 13.29
CA ASP A 124 -10.83 10.95 13.85
C ASP A 124 -9.45 11.43 13.40
N GLU A 125 -9.14 12.70 13.63
CA GLU A 125 -7.91 13.22 13.06
C GLU A 125 -6.67 12.67 13.75
N THR A 126 -6.79 12.22 14.99
CA THR A 126 -5.67 11.56 15.63
C THR A 126 -5.34 10.25 14.90
N GLN A 127 -6.36 9.51 14.53
CA GLN A 127 -6.16 8.23 13.84
C GLN A 127 -5.60 8.48 12.44
N ILE A 128 -6.16 9.47 11.76
CA ILE A 128 -5.67 9.85 10.43
C ILE A 128 -4.19 10.23 10.48
N ALA A 129 -3.84 11.09 11.44
CA ALA A 129 -2.46 11.54 11.55
C ALA A 129 -1.51 10.40 11.88
N THR A 130 -1.94 9.51 12.76
CA THR A 130 -1.11 8.39 13.17
C THR A 130 -0.85 7.48 11.98
N ILE A 131 -1.92 7.13 11.25
CA ILE A 131 -1.78 6.27 10.07
C ILE A 131 -0.92 6.95 9.01
N LEU A 132 -1.15 8.23 8.75
CA LEU A 132 -0.33 8.92 7.76
C LEU A 132 1.13 8.97 8.17
N ARG A 133 1.39 9.18 9.45
CA ARG A 133 2.76 9.23 9.93
C ARG A 133 3.47 7.92 9.63
N GLU A 134 2.79 6.80 9.92
CA GLU A 134 3.42 5.51 9.72
C GLU A 134 3.60 5.22 8.23
N ILE A 135 2.63 5.62 7.42
CA ILE A 135 2.82 5.50 5.97
C ILE A 135 4.06 6.28 5.51
N LEU A 136 4.21 7.49 6.04
CA LEU A 136 5.36 8.32 5.71
C LEU A 136 6.68 7.67 6.11
N LYS A 137 6.70 6.95 7.24
CA LYS A 137 7.90 6.23 7.64
C LYS A 137 8.24 5.15 6.63
N GLY A 138 7.22 4.50 6.10
CA GLY A 138 7.42 3.48 5.06
C GLY A 138 7.90 4.09 3.76
N LEU A 139 7.30 5.22 3.37
CA LEU A 139 7.73 5.91 2.16
C LEU A 139 9.15 6.43 2.30
N ASP A 140 9.47 6.97 3.46
CA ASP A 140 10.84 7.46 3.68
C ASP A 140 11.83 6.33 3.49
N TYR A 141 11.53 5.18 4.10
CA TYR A 141 12.36 4.01 3.88
C TYR A 141 12.48 3.67 2.40
N LEU A 142 11.36 3.49 1.71
CA LEU A 142 11.41 3.11 0.29
C LEU A 142 12.19 4.11 -0.56
N HIS A 143 11.91 5.39 -0.36
CA HIS A 143 12.49 6.40 -1.22
C HIS A 143 13.98 6.48 -0.99
N SER A 144 14.40 6.18 0.23
CA SER A 144 15.82 6.18 0.58
C SER A 144 16.53 5.02 -0.13
N GLU A 145 15.77 3.97 -0.44
CA GLU A 145 16.28 2.80 -1.15
C GLU A 145 16.07 2.96 -2.66
N LYS A 146 15.66 4.18 -3.04
CA LYS A 146 15.39 4.54 -4.42
C LYS A 146 14.26 3.71 -5.03
N LYS A 147 13.34 3.26 -4.17
CA LYS A 147 12.16 2.55 -4.63
C LYS A 147 10.94 3.48 -4.60
N ILE A 148 10.02 3.24 -5.50
CA ILE A 148 8.74 3.96 -5.56
C ILE A 148 7.63 2.93 -5.48
N HIS A 149 6.69 3.13 -4.56
CA HIS A 149 5.64 2.12 -4.38
C HIS A 149 4.69 2.12 -5.59
N ARG A 150 4.18 3.30 -5.92
CA ARG A 150 3.33 3.58 -7.10
C ARG A 150 1.89 3.09 -6.97
N ASP A 151 1.55 2.44 -5.87
CA ASP A 151 0.14 2.10 -5.64
C ASP A 151 -0.28 2.38 -4.19
N ILE A 152 0.10 3.54 -3.68
CA ILE A 152 -0.34 3.92 -2.35
C ILE A 152 -1.82 4.28 -2.34
N LYS A 153 -2.58 3.59 -1.49
CA LYS A 153 -4.01 3.84 -1.25
C LYS A 153 -4.37 3.12 0.05
N ALA A 154 -5.51 3.46 0.65
CA ALA A 154 -5.86 2.89 1.96
C ALA A 154 -5.96 1.36 1.94
N ALA A 155 -6.36 0.79 0.81
CA ALA A 155 -6.49 -0.66 0.70
C ALA A 155 -5.14 -1.38 0.80
N ASN A 156 -4.05 -0.66 0.49
CA ASN A 156 -2.71 -1.26 0.55
C ASN A 156 -1.94 -0.88 1.80
N VAL A 157 -2.63 -0.30 2.79
CA VAL A 157 -2.05 0.02 4.08
C VAL A 157 -2.64 -0.94 5.11
N LEU A 158 -1.81 -1.84 5.63
CA LEU A 158 -2.25 -2.89 6.55
C LEU A 158 -1.86 -2.63 7.98
N LEU A 159 -2.73 -3.00 8.93
CA LEU A 159 -2.40 -2.89 10.34
C LEU A 159 -2.22 -4.26 10.96
N SER A 160 -1.25 -4.39 11.85
CA SER A 160 -1.13 -5.59 12.68
C SER A 160 -2.23 -5.57 13.75
N GLU A 161 -2.42 -6.68 14.46
CA GLU A 161 -3.45 -6.69 15.49
C GLU A 161 -3.05 -5.77 16.66
N HIS A 162 -1.81 -5.30 16.66
CA HIS A 162 -1.28 -4.42 17.69
C HIS A 162 -1.27 -2.94 17.28
N GLY A 163 -1.71 -2.67 16.06
CA GLY A 163 -1.76 -1.30 15.56
C GLY A 163 -0.58 -0.83 14.73
N GLU A 164 0.37 -1.73 14.47
CA GLU A 164 1.50 -1.36 13.62
C GLU A 164 0.99 -1.18 12.20
N VAL A 165 1.56 -0.22 11.48
CA VAL A 165 1.07 0.11 10.13
C VAL A 165 2.13 -0.17 9.07
N LYS A 166 1.80 -0.97 8.06
CA LYS A 166 2.79 -1.38 7.07
C LYS A 166 2.28 -1.26 5.64
N LEU A 167 3.17 -1.02 4.69
CA LEU A 167 2.80 -0.94 3.28
C LEU A 167 2.78 -2.31 2.64
N ALA A 168 1.82 -2.50 1.74
CA ALA A 168 1.63 -3.79 1.05
C ALA A 168 1.40 -3.64 -0.44
N ASP A 169 1.43 -4.78 -1.13
CA ASP A 169 1.27 -4.90 -2.59
C ASP A 169 2.26 -4.08 -3.39
N PHE A 170 3.42 -4.67 -3.60
CA PHE A 170 4.48 -4.04 -4.35
C PHE A 170 4.44 -4.47 -5.80
N GLY A 171 3.25 -4.86 -6.23
CA GLY A 171 3.04 -5.40 -7.58
C GLY A 171 3.41 -4.46 -8.72
N VAL A 172 3.38 -3.15 -8.47
CA VAL A 172 3.79 -2.22 -9.51
C VAL A 172 4.91 -1.30 -9.06
N ALA A 173 5.63 -1.70 -8.01
CA ALA A 173 6.70 -0.87 -7.46
C ALA A 173 7.81 -0.63 -8.48
N GLY A 174 8.45 0.52 -8.38
CA GLY A 174 9.47 0.91 -9.34
C GLY A 174 10.82 1.08 -8.67
N GLN A 175 11.88 0.92 -9.46
CA GLN A 175 13.23 1.04 -8.91
C GLN A 175 14.04 2.06 -9.70
N LEU A 176 14.58 3.04 -8.99
CA LEU A 176 15.46 4.01 -9.60
C LEU A 176 16.88 3.50 -9.53
N THR A 177 17.65 3.74 -10.57
CA THR A 177 19.05 3.33 -10.63
C THR A 177 19.88 4.52 -11.08
N ASP A 178 21.21 4.40 -11.00
CA ASP A 178 22.09 5.47 -11.43
C ASP A 178 21.96 5.70 -12.94
N THR A 179 21.45 4.68 -13.64
CA THR A 179 21.21 4.75 -15.08
C THR A 179 19.85 5.39 -15.39
N GLN A 180 18.80 4.92 -14.72
CA GLN A 180 17.48 5.50 -14.89
C GLN A 180 17.08 6.30 -13.66
N ILE A 181 17.29 7.60 -13.74
CA ILE A 181 17.02 8.52 -12.65
C ILE A 181 15.50 8.70 -12.44
N LYS A 182 14.72 8.38 -13.47
CA LYS A 182 13.27 8.54 -13.43
C LYS A 182 12.55 7.37 -14.10
N ARG A 183 11.24 7.23 -13.85
CA ARG A 183 10.42 6.25 -14.56
C ARG A 183 9.37 6.94 -15.42
N ASN A 184 8.77 6.23 -16.37
N ASN A 184 8.79 6.22 -16.39
CA ASN A 184 7.71 6.79 -17.20
CA ASN A 184 7.75 6.76 -17.25
C ASN A 184 6.53 5.84 -17.35
C ASN A 184 6.54 5.84 -17.36
N PHE A 186 3.14 3.77 -17.03
CA PHE A 186 1.76 4.02 -16.60
C PHE A 186 1.31 2.87 -15.71
N VAL A 187 1.44 3.06 -14.40
CA VAL A 187 1.01 2.06 -13.43
C VAL A 187 0.39 2.74 -12.21
N GLY A 188 -0.46 2.01 -11.51
CA GLY A 188 -1.10 2.52 -10.32
C GLY A 188 -2.59 2.26 -10.35
N THR A 189 -3.31 2.90 -9.45
CA THR A 189 -4.76 2.81 -9.42
C THR A 189 -5.25 4.20 -9.77
N PRO A 190 -6.00 4.34 -10.89
CA PRO A 190 -6.34 5.64 -11.48
C PRO A 190 -6.65 6.78 -10.50
N PHE A 191 -7.56 6.61 -9.55
CA PHE A 191 -7.96 7.72 -8.68
C PHE A 191 -6.80 8.25 -7.83
N TRP A 192 -5.80 7.41 -7.61
CA TRP A 192 -4.68 7.77 -6.73
C TRP A 192 -3.42 8.14 -7.50
N MET A 193 -3.46 8.04 -8.83
CA MET A 193 -2.27 8.28 -9.65
C MET A 193 -1.92 9.75 -9.81
N ALA A 194 -0.62 10.08 -9.73
CA ALA A 194 -0.15 11.45 -9.93
C ALA A 194 -0.30 11.87 -11.38
N PRO A 195 -0.52 13.16 -11.62
CA PRO A 195 -0.72 13.64 -13.00
C PRO A 195 0.45 13.30 -13.91
N GLU A 196 1.68 13.33 -13.40
CA GLU A 196 2.83 13.07 -14.25
C GLU A 196 2.95 11.59 -14.59
N VAL A 197 2.40 10.72 -13.74
CA VAL A 197 2.37 9.29 -14.07
C VAL A 197 1.35 9.05 -15.17
N ILE A 198 0.18 9.65 -15.01
CA ILE A 198 -0.90 9.56 -16.00
C ILE A 198 -0.45 10.10 -17.37
N LYS A 199 0.31 11.17 -17.38
CA LYS A 199 0.86 11.73 -18.62
C LYS A 199 2.06 10.94 -19.13
N GLN A 200 2.54 10.01 -18.31
CA GLN A 200 3.79 9.33 -18.58
C GLN A 200 4.95 10.30 -18.84
N SER A 201 4.97 11.42 -18.11
CA SER A 201 6.17 12.23 -18.04
C SER A 201 7.20 11.50 -17.18
N ALA A 202 8.44 11.98 -17.17
CA ALA A 202 9.46 11.39 -16.30
C ALA A 202 9.08 11.69 -14.86
N TYR A 203 9.08 10.68 -14.00
CA TYR A 203 8.71 10.88 -12.60
C TYR A 203 9.57 10.08 -11.63
N ASP A 204 9.42 10.38 -10.33
CA ASP A 204 10.17 9.66 -9.32
C ASP A 204 9.32 9.50 -8.05
N SER A 205 9.97 9.51 -6.90
CA SER A 205 9.30 9.28 -5.62
C SER A 205 8.22 10.31 -5.32
N LYS A 206 8.29 11.49 -5.95
CA LYS A 206 7.27 12.49 -5.69
C LYS A 206 5.89 12.01 -6.13
N ALA A 207 5.84 11.05 -7.05
CA ALA A 207 4.58 10.46 -7.46
C ALA A 207 3.88 9.82 -6.27
N ASP A 208 4.66 9.20 -5.38
CA ASP A 208 4.12 8.57 -4.17
C ASP A 208 3.54 9.63 -3.21
N ILE A 209 4.14 10.81 -3.20
CA ILE A 209 3.67 11.88 -2.32
C ILE A 209 2.30 12.37 -2.79
N TRP A 210 2.11 12.47 -4.10
CA TRP A 210 0.77 12.76 -4.59
C TRP A 210 -0.23 11.68 -4.15
N SER A 211 0.10 10.41 -4.38
CA SER A 211 -0.82 9.34 -4.01
C SER A 211 -1.14 9.40 -2.52
N LEU A 212 -0.16 9.81 -1.72
CA LEU A 212 -0.38 9.95 -0.28
C LEU A 212 -1.41 11.02 0.04
N GLY A 213 -1.37 12.13 -0.72
CA GLY A 213 -2.36 13.18 -0.54
C GLY A 213 -3.76 12.68 -0.84
N ILE A 214 -3.88 11.88 -1.89
CA ILE A 214 -5.16 11.30 -2.24
C ILE A 214 -5.62 10.34 -1.13
N THR A 215 -4.67 9.56 -0.64
CA THR A 215 -4.93 8.63 0.47
C THR A 215 -5.37 9.39 1.73
N ALA A 216 -4.78 10.56 1.94
CA ALA A 216 -5.21 11.40 3.07
C ALA A 216 -6.67 11.79 2.95
N ILE A 217 -7.08 12.20 1.75
CA ILE A 217 -8.50 12.50 1.50
C ILE A 217 -9.35 11.26 1.75
N GLU A 218 -8.87 10.12 1.25
CA GLU A 218 -9.56 8.85 1.44
C GLU A 218 -9.74 8.54 2.93
N LEU A 219 -8.70 8.75 3.73
CA LEU A 219 -8.79 8.47 5.16
C LEU A 219 -9.76 9.40 5.87
N ALA A 220 -9.87 10.63 5.36
CA ALA A 220 -10.72 11.61 6.00
C ALA A 220 -12.17 11.46 5.57
N ARG A 221 -12.39 11.14 4.30
CA ARG A 221 -13.74 11.13 3.74
C ARG A 221 -14.26 9.74 3.40
N GLY A 222 -13.37 8.77 3.30
CA GLY A 222 -13.80 7.41 3.04
C GLY A 222 -13.59 6.97 1.60
N GLU A 223 -13.41 7.93 0.71
CA GLU A 223 -13.23 7.69 -0.73
C GLU A 223 -12.28 8.73 -1.31
N PRO A 224 -11.60 8.41 -2.42
CA PRO A 224 -10.75 9.41 -3.08
C PRO A 224 -11.59 10.36 -3.92
N PRO A 225 -11.01 11.49 -4.35
CA PRO A 225 -11.71 12.36 -5.31
C PRO A 225 -12.11 11.61 -6.58
N HIS A 226 -13.23 12.00 -7.18
CA HIS A 226 -13.71 11.46 -8.46
C HIS A 226 -14.18 10.03 -8.34
N SER A 227 -14.45 9.57 -7.12
CA SER A 227 -14.74 8.15 -6.90
C SER A 227 -16.03 7.72 -7.59
N GLU A 228 -16.86 8.68 -7.96
CA GLU A 228 -18.16 8.38 -8.59
C GLU A 228 -18.05 8.20 -10.10
N LEU A 229 -16.91 8.56 -10.65
CA LEU A 229 -16.73 8.60 -12.11
C LEU A 229 -16.10 7.34 -12.67
N HIS A 230 -16.24 7.17 -13.97
CA HIS A 230 -15.55 6.09 -14.65
C HIS A 230 -14.06 6.38 -14.63
N PRO A 231 -13.25 5.40 -14.25
CA PRO A 231 -11.80 5.61 -14.12
C PRO A 231 -11.17 6.18 -15.38
N MET A 232 -11.71 5.87 -16.56
CA MET A 232 -11.08 6.39 -17.75
C MET A 232 -11.12 7.92 -17.85
N LYS A 233 -12.09 8.53 -17.18
CA LYS A 233 -12.18 9.99 -17.16
C LYS A 233 -10.96 10.65 -16.48
N VAL A 234 -10.31 9.96 -15.55
CA VAL A 234 -9.18 10.59 -14.85
C VAL A 234 -7.99 10.78 -15.79
N LEU A 235 -8.01 10.11 -16.94
CA LEU A 235 -6.97 10.29 -17.94
C LEU A 235 -6.84 11.74 -18.41
N PHE A 236 -7.94 12.48 -18.35
CA PHE A 236 -7.87 13.92 -18.65
C PHE A 236 -8.13 14.74 -17.39
N LEU A 237 -9.04 14.28 -16.53
CA LEU A 237 -9.41 15.07 -15.35
C LEU A 237 -8.23 15.39 -14.45
N ILE A 238 -7.40 14.41 -14.14
CA ILE A 238 -6.30 14.67 -13.22
C ILE A 238 -5.21 15.58 -13.83
N PRO A 239 -4.75 15.30 -15.06
CA PRO A 239 -3.79 16.23 -15.66
C PRO A 239 -4.33 17.64 -15.91
N LYS A 240 -5.61 17.75 -16.25
CA LYS A 240 -6.15 19.05 -16.66
C LYS A 240 -6.70 19.90 -15.51
N ASN A 241 -7.38 19.27 -14.56
CA ASN A 241 -8.01 20.03 -13.50
C ASN A 241 -7.02 20.50 -12.44
N ASN A 242 -7.41 21.55 -11.72
CA ASN A 242 -6.72 21.92 -10.50
C ASN A 242 -6.72 20.71 -9.58
N PRO A 243 -5.67 20.58 -8.76
CA PRO A 243 -5.64 19.42 -7.86
C PRO A 243 -6.81 19.41 -6.89
N PRO A 244 -7.19 18.22 -6.41
CA PRO A 244 -8.26 18.13 -5.43
C PRO A 244 -7.87 18.80 -4.12
N THR A 245 -8.85 19.23 -3.35
CA THR A 245 -8.61 19.64 -1.97
C THR A 245 -9.54 18.88 -1.05
N LEU A 246 -9.22 18.89 0.23
CA LEU A 246 -10.07 18.25 1.22
C LEU A 246 -11.19 19.20 1.60
N GLU A 247 -12.41 18.83 1.24
CA GLU A 247 -13.58 19.66 1.53
C GLU A 247 -14.38 19.08 2.68
N GLY A 248 -14.85 19.96 3.56
CA GLY A 248 -15.64 19.56 4.71
C GLY A 248 -15.05 20.10 6.00
N ASN A 249 -15.62 19.67 7.13
CA ASN A 249 -15.21 20.19 8.43
C ASN A 249 -13.98 19.48 8.98
N TYR A 250 -12.82 19.78 8.40
CA TYR A 250 -11.56 19.20 8.85
C TYR A 250 -10.63 20.32 9.26
N SER A 251 -9.64 20.02 10.08
CA SER A 251 -8.75 21.05 10.60
C SER A 251 -7.95 21.68 9.47
N LYS A 252 -7.56 22.94 9.65
CA LYS A 252 -6.74 23.57 8.63
C LYS A 252 -5.41 22.84 8.44
N PRO A 253 -4.77 22.33 9.52
CA PRO A 253 -3.52 21.60 9.24
C PRO A 253 -3.72 20.36 8.37
N LEU A 254 -4.82 19.63 8.57
CA LEU A 254 -5.09 18.49 7.70
C LEU A 254 -5.33 18.95 6.27
N LYS A 255 -6.12 19.99 6.09
CA LYS A 255 -6.34 20.48 4.73
C LYS A 255 -5.03 20.92 4.07
N GLU A 256 -4.15 21.53 4.87
CA GLU A 256 -2.86 22.00 4.33
C GLU A 256 -1.92 20.83 4.02
N PHE A 257 -2.02 19.77 4.82
CA PHE A 257 -1.24 18.56 4.55
C PHE A 257 -1.62 18.02 3.19
N VAL A 258 -2.93 17.92 2.96
CA VAL A 258 -3.43 17.44 1.66
C VAL A 258 -2.95 18.35 0.52
N GLU A 259 -3.08 19.66 0.70
CA GLU A 259 -2.64 20.61 -0.32
C GLU A 259 -1.15 20.49 -0.63
N ALA A 260 -0.36 20.23 0.41
CA ALA A 260 1.08 20.14 0.22
C ALA A 260 1.41 18.96 -0.69
N CYS A 261 0.72 17.83 -0.46
CA CYS A 261 0.92 16.63 -1.27
C CYS A 261 0.40 16.80 -2.69
N LEU A 262 -0.78 17.39 -2.81
CA LEU A 262 -1.46 17.51 -4.09
C LEU A 262 -1.14 18.82 -4.79
N ASN A 263 0.12 18.98 -5.17
CA ASN A 263 0.54 20.04 -6.07
C ASN A 263 0.81 19.42 -7.44
N LYS A 264 0.34 20.09 -8.51
CA LYS A 264 0.57 19.57 -9.86
C LYS A 264 2.05 19.47 -10.21
N GLU A 265 2.86 20.37 -9.65
CA GLU A 265 4.31 20.34 -9.89
C GLU A 265 5.05 19.47 -8.86
N PRO A 266 5.66 18.36 -9.33
CA PRO A 266 6.26 17.41 -8.36
C PRO A 266 7.34 18.02 -7.48
N SER A 267 8.16 18.94 -8.00
CA SER A 267 9.21 19.53 -7.19
C SER A 267 8.64 20.43 -6.08
N PHE A 268 7.35 20.77 -6.16
CA PHE A 268 6.70 21.60 -5.14
C PHE A 268 6.13 20.76 -3.98
N ARG A 269 6.06 19.44 -4.16
CA ARG A 269 5.61 18.54 -3.10
C ARG A 269 6.77 18.30 -2.14
N PRO A 270 6.49 18.26 -0.84
CA PRO A 270 7.55 17.96 0.13
C PRO A 270 8.01 16.51 0.01
N THR A 271 9.17 16.18 0.54
CA THR A 271 9.59 14.78 0.66
C THR A 271 8.85 14.09 1.81
N ALA A 272 8.89 12.75 1.85
CA ALA A 272 8.28 12.02 2.97
C ALA A 272 8.91 12.43 4.29
N LYS A 273 10.23 12.56 4.26
CA LYS A 273 10.99 12.97 5.45
C LYS A 273 10.50 14.30 5.98
N GLU A 274 10.27 15.24 5.07
CA GLU A 274 9.79 16.55 5.46
C GLU A 274 8.38 16.50 6.06
N LEU A 275 7.51 15.68 5.48
CA LEU A 275 6.12 15.60 5.94
C LEU A 275 6.00 14.96 7.31
N LEU A 276 7.03 14.22 7.73
CA LEU A 276 7.02 13.65 9.09
C LEU A 276 7.04 14.74 10.15
N LYS A 277 7.48 15.94 9.77
CA LYS A 277 7.50 17.08 10.69
C LYS A 277 6.38 18.08 10.41
N HIS A 278 5.43 17.71 9.53
CA HIS A 278 4.33 18.61 9.20
C HIS A 278 3.49 18.84 10.46
N LYS A 279 3.02 20.07 10.65
CA LYS A 279 2.24 20.40 11.84
C LYS A 279 1.02 19.48 12.04
N PHE A 280 0.39 19.02 10.95
CA PHE A 280 -0.75 18.13 11.15
C PHE A 280 -0.33 16.84 11.86
N ILE A 281 0.81 16.30 11.44
CA ILE A 281 1.33 15.08 12.02
C ILE A 281 1.77 15.31 13.46
N LEU A 282 2.58 16.35 13.70
CA LEU A 282 3.13 16.52 15.04
C LEU A 282 2.03 16.89 16.05
N ARG A 283 1.03 17.64 15.61
CA ARG A 283 -0.02 18.06 16.53
C ARG A 283 -1.05 16.98 16.83
N ASN A 284 -1.18 15.99 15.95
CA ASN A 284 -2.29 15.06 16.09
C ASN A 284 -1.92 13.59 16.26
N ALA A 285 -0.77 13.18 15.72
CA ALA A 285 -0.41 11.77 15.76
C ALA A 285 -0.10 11.33 17.18
N LYS A 286 -0.47 10.10 17.51
CA LYS A 286 -0.16 9.52 18.80
C LYS A 286 0.44 8.11 18.63
N LYS A 287 0.67 7.41 19.74
CA LYS A 287 1.24 6.07 19.74
C LYS A 287 0.46 5.13 18.81
N THR A 288 1.13 4.28 18.05
CA THR A 288 0.40 3.37 17.15
C THR A 288 -0.46 2.38 17.94
N SER A 289 -0.07 2.04 19.16
CA SER A 289 -0.84 1.09 19.95
C SER A 289 -2.29 1.53 20.13
N TYR A 290 -2.53 2.84 20.11
CA TYR A 290 -3.88 3.35 20.23
C TYR A 290 -4.78 2.93 19.08
N LEU A 291 -4.17 2.59 17.94
CA LEU A 291 -4.94 2.17 16.79
C LEU A 291 -5.65 0.83 17.05
N THR A 292 -5.30 0.13 18.13
CA THR A 292 -6.02 -1.11 18.45
C THR A 292 -7.49 -0.83 18.70
N GLU A 293 -7.82 0.37 19.16
CA GLU A 293 -9.20 0.77 19.35
C GLU A 293 -9.95 0.71 18.03
N LEU A 294 -9.28 1.14 16.97
CA LEU A 294 -9.83 1.08 15.63
C LEU A 294 -10.03 -0.36 15.16
N ILE A 295 -9.08 -1.22 15.52
CA ILE A 295 -9.20 -2.63 15.15
C ILE A 295 -10.32 -3.32 15.93
N ASP A 296 -10.42 -3.01 17.23
CA ASP A 296 -11.51 -3.51 18.07
C ASP A 296 -12.86 -3.03 17.52
N ARG A 297 -12.91 -1.76 17.13
CA ARG A 297 -14.15 -1.21 16.59
C ARG A 297 -14.61 -2.03 15.41
N TYR A 298 -13.68 -2.39 14.53
CA TYR A 298 -14.00 -3.17 13.33
C TYR A 298 -14.43 -4.60 13.67
N LYS A 299 -13.78 -5.21 14.67
CA LYS A 299 -14.17 -6.56 15.11
C LYS A 299 -15.60 -6.58 15.64
N ARG A 300 -15.93 -5.61 16.50
CA ARG A 300 -17.26 -5.55 17.10
C ARG A 300 -18.31 -5.20 16.06
N TRP A 301 -17.93 -4.36 15.09
CA TRP A 301 -18.84 -3.98 14.02
C TRP A 301 -19.17 -5.17 13.13
N LYS A 302 -18.16 -5.94 12.75
CA LYS A 302 -18.43 -7.05 11.86
C LYS A 302 -19.08 -8.22 12.60
N ALA A 303 -19.27 -8.04 13.90
CA ALA A 303 -20.22 -8.84 14.64
C ALA A 303 -21.62 -8.32 14.33
N GLU A 304 -21.98 -8.47 13.05
CA GLU A 304 -23.29 -8.11 12.53
C GLU A 304 -23.81 -9.35 11.81
N GLN A 305 -25.12 -9.58 11.88
CA GLN A 305 -25.72 -10.69 11.15
C GLN A 305 -26.03 -10.25 9.71
#